data_9F1X
#
_entry.id   9F1X
#
_cell.length_a   101.510
_cell.length_b   53.930
_cell.length_c   72.050
_cell.angle_alpha   90.00
_cell.angle_beta   90.00
_cell.angle_gamma   90.00
#
_symmetry.space_group_name_H-M   'P 21 21 2'
#
loop_
_entity.id
_entity.type
_entity.pdbx_description
1 polymer 'Family 3 adenylate cyclase'
2 non-polymer 'FLAVIN MONONUCLEOTIDE'
3 non-polymer 'CALCIUM ION'
4 water water
#
_entity_poly.entity_id   1
_entity_poly.type   'polypeptide(L)'
_entity_poly.pdbx_seq_one_letter_code
;MGSSHHHHHHSSGLVPRGSHMENLYFQGMKRLTYISKFSRPLSGDEIEAIGRISSQKNQQANVTGVLLCLDGIFFQILEG
EAEKIDRIYERILADERHTDILCLKSEVEVQERMFPDWSMQTINLDENTDFLIRPIKVLLQTLTESHRILEKYTQPSIFK
IISQGTNPLNIRPKAVEKIVFFSDIVSFSTFAEKLPVEEVVSVVNSYFSVCTAIITRQGGEVTKFIGDCVMAYFDGDCAD
QAIQASLDILMELEILRNSAPEGSPLRVLYSGIGLAKGKVIEGNIGSELKRDYTILGDAVNVAARLEALTRQLSQALVFS
SEVKNSATKSWNFIWLTDSELKGKSESIDIYSIDNEMTRKSSGGLEIARNIGHYLERVGDRQPSQIFGVKSLPL
;
_entity_poly.pdbx_strand_id   A
#
loop_
_chem_comp.id
_chem_comp.type
_chem_comp.name
_chem_comp.formula
CA non-polymer 'CALCIUM ION' 'Ca 2'
FMN non-polymer 'FLAVIN MONONUCLEOTIDE' 'C17 H21 N4 O9 P'
#
# COMPACT_ATOMS: atom_id res chain seq x y z
N GLY A 28 25.02 7.17 16.24
CA GLY A 28 25.64 7.55 14.97
C GLY A 28 24.76 8.45 14.10
N MET A 29 25.34 8.94 13.01
CA MET A 29 24.72 10.00 12.21
C MET A 29 23.87 9.44 11.09
N LYS A 30 22.75 10.11 10.85
CA LYS A 30 21.76 9.74 9.86
C LYS A 30 21.47 10.97 9.01
N ARG A 31 21.21 10.76 7.72
CA ARG A 31 20.83 11.82 6.80
C ARG A 31 19.61 11.37 6.01
N LEU A 32 18.50 12.11 6.14
CA LEU A 32 17.31 11.87 5.34
C LEU A 32 17.15 12.96 4.28
N THR A 33 16.63 12.54 3.13
CA THR A 33 16.19 13.43 2.08
C THR A 33 14.74 13.10 1.75
N TYR A 34 13.89 14.13 1.72
CA TYR A 34 12.50 13.89 1.35
C TYR A 34 11.99 15.04 0.50
N ILE A 35 10.89 14.75 -0.18
CA ILE A 35 10.11 15.74 -0.91
C ILE A 35 8.70 15.72 -0.34
N SER A 36 8.01 16.84 -0.49
CA SER A 36 6.63 16.95 -0.04
C SER A 36 5.94 17.99 -0.87
N LYS A 37 4.64 18.11 -0.66
CA LYS A 37 3.77 19.02 -1.41
C LYS A 37 3.16 20.01 -0.44
N PHE A 38 3.12 21.29 -0.82
CA PHE A 38 2.37 22.28 -0.06
C PHE A 38 0.95 21.78 0.11
N SER A 39 0.48 21.70 1.35
CA SER A 39 -0.92 21.35 1.55
C SER A 39 -1.83 22.55 1.27
N ARG A 40 -1.27 23.74 1.34
CA ARG A 40 -1.98 24.99 1.09
CA ARG A 40 -1.98 24.99 1.10
C ARG A 40 -0.97 25.99 0.54
N PRO A 41 -1.42 27.01 -0.16
CA PRO A 41 -0.45 28.02 -0.62
C PRO A 41 0.24 28.69 0.57
N LEU A 42 1.55 28.89 0.43
CA LEU A 42 2.38 29.47 1.46
C LEU A 42 3.10 30.67 0.87
N SER A 43 3.03 31.80 1.55
CA SER A 43 3.74 32.98 1.08
C SER A 43 5.25 32.83 1.30
N GLY A 44 6.01 33.64 0.59
CA GLY A 44 7.45 33.65 0.76
C GLY A 44 7.85 33.98 2.18
N ASP A 45 7.07 34.82 2.87
CA ASP A 45 7.36 35.12 4.26
C ASP A 45 7.08 33.95 5.17
N GLU A 46 6.04 33.15 4.87
CA GLU A 46 5.80 31.97 5.70
C GLU A 46 6.91 30.94 5.53
N ILE A 47 7.45 30.82 4.32
CA ILE A 47 8.54 29.88 4.09
C ILE A 47 9.80 30.36 4.79
N GLU A 48 10.07 31.67 4.74
CA GLU A 48 11.17 32.25 5.50
C GLU A 48 11.03 31.94 7.00
N ALA A 49 9.81 32.02 7.53
CA ALA A 49 9.61 31.75 8.95
C ALA A 49 9.86 30.29 9.28
N ILE A 50 9.42 29.39 8.40
CA ILE A 50 9.66 27.97 8.60
C ILE A 50 11.17 27.73 8.67
N GLY A 51 11.90 28.33 7.74
CA GLY A 51 13.34 28.15 7.72
C GLY A 51 14.00 28.71 8.96
N ARG A 52 13.53 29.87 9.43
CA ARG A 52 14.18 30.49 10.57
CA ARG A 52 14.14 30.52 10.59
C ARG A 52 13.89 29.74 11.86
N ILE A 53 12.65 29.27 12.06
CA ILE A 53 12.37 28.43 13.22
C ILE A 53 13.14 27.12 13.13
N SER A 54 13.22 26.53 11.93
CA SER A 54 13.95 25.28 11.81
C SER A 54 15.41 25.46 12.15
N SER A 55 16.00 26.58 11.71
CA SER A 55 17.40 26.81 11.99
C SER A 55 17.63 26.94 13.49
N GLN A 56 16.74 27.66 14.17
CA GLN A 56 16.87 27.82 15.62
C GLN A 56 16.74 26.48 16.34
N LYS A 57 15.68 25.72 16.03
CA LYS A 57 15.49 24.41 16.65
C LYS A 57 16.62 23.44 16.31
N ASN A 58 17.02 23.39 15.03
CA ASN A 58 18.08 22.45 14.65
C ASN A 58 19.39 22.79 15.32
N GLN A 59 19.69 24.08 15.49
CA GLN A 59 20.92 24.48 16.18
CA GLN A 59 20.92 24.47 16.17
C GLN A 59 20.97 23.90 17.59
N GLN A 60 19.85 23.95 18.30
CA GLN A 60 19.71 23.38 19.64
C GLN A 60 19.85 21.86 19.63
N ALA A 61 19.59 21.21 18.50
CA ALA A 61 19.65 19.76 18.38
C ALA A 61 20.91 19.26 17.70
N ASN A 62 21.80 20.17 17.27
CA ASN A 62 23.01 19.80 16.54
C ASN A 62 22.67 19.11 15.21
N VAL A 63 21.57 19.54 14.59
CA VAL A 63 21.15 19.05 13.29
C VAL A 63 21.46 20.12 12.25
N THR A 64 21.84 19.69 11.04
CA THR A 64 22.14 20.61 9.95
C THR A 64 21.37 20.18 8.71
N GLY A 65 21.33 21.04 7.70
CA GLY A 65 20.73 20.63 6.45
C GLY A 65 20.30 21.83 5.62
N VAL A 66 19.39 21.55 4.68
CA VAL A 66 18.98 22.55 3.70
C VAL A 66 17.52 22.29 3.35
N LEU A 67 16.79 23.37 3.12
CA LEU A 67 15.40 23.31 2.73
C LEU A 67 15.23 24.13 1.47
N LEU A 68 14.69 23.53 0.42
CA LEU A 68 14.40 24.21 -0.83
C LEU A 68 12.93 24.11 -1.16
N CYS A 69 12.38 25.15 -1.76
CA CYS A 69 11.02 25.10 -2.26
C CYS A 69 10.98 25.58 -3.70
N LEU A 70 10.05 25.01 -4.45
CA LEU A 70 9.88 25.33 -5.86
C LEU A 70 8.47 24.94 -6.24
N ASP A 71 7.66 25.93 -6.62
CA ASP A 71 6.34 25.71 -7.21
C ASP A 71 5.51 24.70 -6.39
N GLY A 72 5.46 24.91 -5.07
CA GLY A 72 4.64 24.07 -4.23
C GLY A 72 5.24 22.76 -3.80
N ILE A 73 6.55 22.58 -3.99
CA ILE A 73 7.27 21.39 -3.56
C ILE A 73 8.30 21.81 -2.52
N PHE A 74 8.39 21.05 -1.44
CA PHE A 74 9.53 21.16 -0.53
C PHE A 74 10.52 20.05 -0.85
N PHE A 75 11.80 20.37 -0.77
CA PHE A 75 12.88 19.40 -0.73
C PHE A 75 13.67 19.66 0.55
N GLN A 76 13.95 18.63 1.33
CA GLN A 76 14.76 18.87 2.51
C GLN A 76 15.75 17.76 2.76
N ILE A 77 16.94 18.15 3.20
CA ILE A 77 17.97 17.25 3.68
C ILE A 77 18.23 17.60 5.13
N LEU A 78 18.19 16.60 6.00
CA LEU A 78 18.46 16.73 7.42
C LEU A 78 19.56 15.74 7.78
N GLU A 79 20.51 16.18 8.60
CA GLU A 79 21.60 15.31 9.02
C GLU A 79 21.94 15.56 10.49
N GLY A 80 22.23 14.48 11.20
CA GLY A 80 22.56 14.54 12.60
C GLY A 80 22.41 13.18 13.24
N GLU A 81 22.44 13.20 14.58
CA GLU A 81 22.27 11.97 15.36
CA GLU A 81 22.28 11.97 15.34
C GLU A 81 20.96 11.30 14.98
N ALA A 82 21.03 9.99 14.73
CA ALA A 82 19.84 9.23 14.33
C ALA A 82 18.67 9.50 15.25
N GLU A 83 18.95 9.54 16.57
CA GLU A 83 17.92 9.77 17.56
C GLU A 83 17.21 11.10 17.34
N LYS A 84 17.99 12.18 17.19
CA LYS A 84 17.39 13.51 16.99
C LYS A 84 16.71 13.61 15.64
N ILE A 85 17.30 13.00 14.62
CA ILE A 85 16.73 13.08 13.27
C ILE A 85 15.33 12.47 13.27
N ASP A 86 15.19 11.28 13.85
CA ASP A 86 13.91 10.59 13.82
C ASP A 86 12.83 11.35 14.56
N ARG A 87 13.20 12.05 15.64
CA ARG A 87 12.21 12.82 16.40
C ARG A 87 11.78 14.06 15.65
N ILE A 88 12.74 14.76 15.02
CA ILE A 88 12.39 15.92 14.22
C ILE A 88 11.53 15.50 13.04
N TYR A 89 11.90 14.40 12.38
CA TYR A 89 11.15 13.96 11.20
C TYR A 89 9.72 13.58 11.55
N GLU A 90 9.51 12.98 12.74
CA GLU A 90 8.15 12.70 13.19
C GLU A 90 7.34 13.99 13.28
N ARG A 91 7.94 15.03 13.88
CA ARG A 91 7.27 16.31 13.98
C ARG A 91 6.99 16.89 12.60
N ILE A 92 7.96 16.78 11.68
CA ILE A 92 7.75 17.27 10.32
C ILE A 92 6.62 16.52 9.64
N LEU A 93 6.50 15.21 9.88
CA LEU A 93 5.42 14.43 9.27
C LEU A 93 4.06 14.92 9.70
N ALA A 94 3.94 15.40 10.94
CA ALA A 94 2.67 15.88 11.46
C ALA A 94 2.38 17.33 11.10
N ASP A 95 3.36 18.06 10.56
CA ASP A 95 3.13 19.45 10.21
C ASP A 95 2.09 19.54 9.09
N GLU A 96 1.00 20.27 9.36
CA GLU A 96 -0.12 20.32 8.42
C GLU A 96 0.18 21.11 7.16
N ARG A 97 1.30 21.86 7.13
CA ARG A 97 1.54 22.76 6.02
C ARG A 97 2.09 22.04 4.79
N HIS A 98 2.42 20.77 4.89
CA HIS A 98 2.74 19.99 3.71
C HIS A 98 2.17 18.59 3.86
N THR A 99 2.15 17.88 2.74
CA THR A 99 1.60 16.53 2.70
C THR A 99 2.32 15.75 1.62
N ASP A 100 1.97 14.46 1.50
CA ASP A 100 2.57 13.56 0.51
C ASP A 100 4.08 13.47 0.71
N ILE A 101 4.49 13.35 1.97
CA ILE A 101 5.90 13.25 2.33
C ILE A 101 6.44 11.95 1.75
N LEU A 102 7.47 12.05 0.90
CA LEU A 102 8.14 10.85 0.41
C LEU A 102 9.63 10.96 0.70
N CYS A 103 10.13 10.04 1.51
CA CYS A 103 11.56 9.93 1.77
C CYS A 103 12.24 9.28 0.57
N LEU A 104 13.08 10.05 -0.14
CA LEU A 104 13.79 9.53 -1.31
C LEU A 104 15.01 8.75 -0.93
N LYS A 105 15.58 9.03 0.23
CA LYS A 105 16.85 8.42 0.60
C LYS A 105 17.06 8.60 2.08
N SER A 106 17.47 7.52 2.73
CA SER A 106 17.83 7.53 4.14
C SER A 106 19.20 6.89 4.27
N GLU A 107 20.18 7.65 4.75
CA GLU A 107 21.54 7.17 4.91
C GLU A 107 21.80 6.95 6.38
N VAL A 108 21.98 5.70 6.79
CA VAL A 108 22.45 5.40 8.14
C VAL A 108 23.96 5.29 8.10
N GLU A 109 24.59 5.45 9.25
CA GLU A 109 26.06 5.34 9.35
C GLU A 109 26.73 6.39 8.45
N VAL A 110 26.26 7.63 8.57
CA VAL A 110 26.83 8.72 7.79
C VAL A 110 28.15 9.14 8.42
N GLN A 111 29.16 9.39 7.58
CA GLN A 111 30.49 9.61 8.12
C GLN A 111 30.78 11.08 8.39
N GLU A 112 30.41 11.98 7.49
CA GLU A 112 30.58 13.41 7.77
C GLU A 112 29.37 14.19 7.26
N ARG A 113 29.24 15.42 7.75
CA ARG A 113 28.14 16.27 7.37
C ARG A 113 28.37 16.90 5.99
N MET A 114 27.29 17.00 5.24
CA MET A 114 27.32 17.71 3.97
C MET A 114 27.16 19.22 4.16
N PHE A 115 26.49 19.64 5.22
CA PHE A 115 26.14 21.04 5.43
C PHE A 115 26.52 21.48 6.84
N PRO A 116 27.80 21.36 7.21
CA PRO A 116 28.18 21.58 8.63
C PRO A 116 27.85 22.96 9.16
N ASP A 117 27.79 23.98 8.31
CA ASP A 117 27.58 25.34 8.76
C ASP A 117 26.14 25.79 8.66
N TRP A 118 25.23 24.92 8.26
CA TRP A 118 23.82 25.31 8.04
C TRP A 118 22.94 24.53 8.99
N SER A 119 22.53 25.14 10.10
CA SER A 119 21.51 24.51 10.94
C SER A 119 20.26 24.22 10.13
N MET A 120 19.78 25.22 9.40
CA MET A 120 18.84 25.00 8.30
C MET A 120 18.93 26.18 7.35
N GLN A 121 19.48 25.93 6.19
CA GLN A 121 19.57 26.94 5.15
C GLN A 121 18.33 26.82 4.27
N THR A 122 17.69 27.95 4.00
CA THR A 122 16.45 27.97 3.24
C THR A 122 16.72 28.63 1.89
N ILE A 123 16.40 27.92 0.81
CA ILE A 123 16.61 28.38 -0.55
C ILE A 123 15.25 28.37 -1.24
N ASN A 124 14.67 29.55 -1.43
CA ASN A 124 13.37 29.68 -2.09
C ASN A 124 13.64 29.81 -3.59
N LEU A 125 13.43 28.72 -4.33
CA LEU A 125 13.76 28.77 -5.76
C LEU A 125 12.74 29.57 -6.57
N ASP A 126 11.51 29.72 -6.08
CA ASP A 126 10.53 30.53 -6.80
C ASP A 126 11.01 31.97 -6.94
N GLU A 127 11.80 32.44 -5.98
CA GLU A 127 12.22 33.82 -5.95
C GLU A 127 13.54 34.02 -6.66
N ASN A 128 14.20 32.94 -7.07
CA ASN A 128 15.55 33.05 -7.61
C ASN A 128 15.48 33.26 -9.12
N THR A 129 16.15 34.30 -9.60
CA THR A 129 16.16 34.66 -11.01
C THR A 129 17.53 34.45 -11.65
N ASP A 130 18.42 33.71 -11.01
CA ASP A 130 19.78 33.56 -11.52
C ASP A 130 19.75 32.85 -12.87
N PHE A 131 20.70 33.22 -13.71
CA PHE A 131 20.70 32.79 -15.11
C PHE A 131 20.84 31.27 -15.23
N LEU A 132 21.79 30.69 -14.51
CA LEU A 132 22.03 29.25 -14.59
C LEU A 132 20.99 28.45 -13.84
N ILE A 133 20.36 29.03 -12.83
CA ILE A 133 19.39 28.27 -12.06
C ILE A 133 18.07 28.10 -12.80
N ARG A 134 17.75 28.97 -13.77
CA ARG A 134 16.47 28.81 -14.48
C ARG A 134 16.31 27.45 -15.15
N PRO A 135 17.24 26.94 -15.96
CA PRO A 135 17.02 25.59 -16.51
C PRO A 135 17.02 24.53 -15.43
N ILE A 136 17.74 24.74 -14.34
CA ILE A 136 17.76 23.73 -13.27
C ILE A 136 16.39 23.60 -12.61
N LYS A 137 15.69 24.73 -12.41
CA LYS A 137 14.33 24.66 -11.85
C LYS A 137 13.41 23.85 -12.75
N VAL A 138 13.53 24.01 -14.07
CA VAL A 138 12.71 23.24 -14.98
C VAL A 138 12.98 21.76 -14.81
N LEU A 139 14.27 21.41 -14.77
CA LEU A 139 14.67 20.02 -14.57
C LEU A 139 14.16 19.46 -13.25
N LEU A 140 14.34 20.19 -12.15
CA LEU A 140 13.86 19.73 -10.86
C LEU A 140 12.36 19.49 -10.88
N GLN A 141 11.61 20.41 -11.47
CA GLN A 141 10.17 20.24 -11.59
C GLN A 141 9.83 18.98 -12.36
N THR A 142 10.52 18.76 -13.49
CA THR A 142 10.22 17.60 -14.32
C THR A 142 10.59 16.30 -13.62
N LEU A 143 11.77 16.24 -12.97
CA LEU A 143 12.15 15.03 -12.23
C LEU A 143 11.16 14.72 -11.12
N THR A 144 10.71 15.74 -10.39
CA THR A 144 9.78 15.52 -9.28
C THR A 144 8.44 15.02 -9.79
N GLU A 145 7.95 15.61 -10.87
CA GLU A 145 6.65 15.23 -11.42
CA GLU A 145 6.64 15.20 -11.37
C GLU A 145 6.69 13.82 -12.00
N SER A 146 7.75 13.49 -12.75
CA SER A 146 7.89 12.12 -13.23
C SER A 146 7.99 11.17 -12.06
N HIS A 147 8.70 11.57 -11.00
CA HIS A 147 8.81 10.76 -9.81
C HIS A 147 7.46 10.49 -9.17
N ARG A 148 6.58 11.49 -9.16
CA ARG A 148 5.26 11.31 -8.56
C ARG A 148 4.40 10.36 -9.39
N ILE A 149 4.56 10.35 -10.71
CA ILE A 149 3.82 9.39 -11.52
C ILE A 149 4.28 7.97 -11.20
N LEU A 150 5.59 7.74 -11.22
CA LEU A 150 6.15 6.42 -10.93
C LEU A 150 5.77 5.93 -9.55
N GLU A 151 5.63 6.85 -8.59
CA GLU A 151 5.26 6.46 -7.23
C GLU A 151 3.92 5.72 -7.21
N LYS A 152 3.00 6.12 -8.07
CA LYS A 152 1.67 5.49 -8.12
C LYS A 152 1.74 4.05 -8.62
N TYR A 153 2.67 3.72 -9.51
CA TYR A 153 2.73 2.43 -10.16
C TYR A 153 3.70 1.46 -9.49
N THR A 154 4.23 1.79 -8.31
CA THR A 154 5.23 0.97 -7.64
CA THR A 154 5.21 0.93 -7.68
C THR A 154 4.68 0.41 -6.35
N GLN A 155 5.14 -0.78 -6.01
CA GLN A 155 4.76 -1.44 -4.77
C GLN A 155 5.04 -0.52 -3.59
N PRO A 156 4.05 -0.23 -2.73
CA PRO A 156 4.31 0.57 -1.52
C PRO A 156 5.48 0.08 -0.69
N SER A 157 5.83 -1.20 -0.81
CA SER A 157 6.84 -1.79 0.06
C SER A 157 8.26 -1.40 -0.32
N ILE A 158 8.55 -1.09 -1.60
CA ILE A 158 9.87 -0.56 -1.93
C ILE A 158 10.15 0.74 -1.19
N PHE A 159 9.16 1.62 -1.09
CA PHE A 159 9.40 2.88 -0.38
C PHE A 159 9.74 2.63 1.08
N LYS A 160 9.15 1.60 1.70
CA LYS A 160 9.46 1.30 3.09
C LYS A 160 10.90 0.81 3.25
N ILE A 161 11.40 0.02 2.30
CA ILE A 161 12.78 -0.44 2.37
C ILE A 161 13.73 0.74 2.22
N ILE A 162 13.41 1.66 1.31
CA ILE A 162 14.21 2.87 1.14
C ILE A 162 14.28 3.65 2.45
N SER A 163 13.12 3.86 3.09
CA SER A 163 13.07 4.66 4.32
C SER A 163 13.91 4.04 5.42
N GLN A 164 14.04 2.72 5.42
CA GLN A 164 14.87 2.02 6.39
C GLN A 164 16.35 2.08 6.04
N GLY A 165 16.71 2.77 4.95
CA GLY A 165 18.10 3.00 4.64
C GLY A 165 18.77 1.96 3.78
N THR A 166 18.02 1.13 3.07
CA THR A 166 18.62 0.12 2.22
C THR A 166 18.14 0.28 0.78
N ASN A 167 19.05 0.06 -0.16
CA ASN A 167 18.69 0.00 -1.56
C ASN A 167 17.91 -1.27 -1.82
N PRO A 168 16.68 -1.19 -2.35
CA PRO A 168 15.92 -2.43 -2.61
C PRO A 168 16.64 -3.38 -3.56
N LEU A 169 17.43 -2.87 -4.50
CA LEU A 169 18.13 -3.76 -5.42
C LEU A 169 19.26 -4.52 -4.75
N ASN A 170 19.56 -4.27 -3.48
CA ASN A 170 20.71 -4.88 -2.83
C ASN A 170 20.31 -5.78 -1.67
N ILE A 171 19.02 -6.00 -1.48
CA ILE A 171 18.54 -6.87 -0.41
CA ILE A 171 18.58 -6.86 -0.40
C ILE A 171 19.02 -8.29 -0.67
N ARG A 172 19.42 -8.99 0.39
CA ARG A 172 19.71 -10.41 0.29
C ARG A 172 18.41 -11.21 0.33
N PRO A 173 18.34 -12.33 -0.38
CA PRO A 173 17.07 -13.06 -0.43
C PRO A 173 16.74 -13.68 0.92
N LYS A 174 15.45 -13.71 1.25
CA LYS A 174 14.97 -14.26 2.50
C LYS A 174 13.66 -14.95 2.24
N ALA A 175 13.42 -16.04 2.95
CA ALA A 175 12.14 -16.75 2.87
C ALA A 175 11.40 -16.50 4.17
N VAL A 176 10.13 -16.10 4.07
CA VAL A 176 9.37 -15.74 5.27
C VAL A 176 7.94 -16.25 5.12
N GLU A 177 7.39 -16.78 6.20
CA GLU A 177 6.00 -17.23 6.20
C GLU A 177 5.07 -16.03 6.28
N LYS A 178 4.11 -15.98 5.37
CA LYS A 178 3.10 -14.95 5.37
C LYS A 178 1.71 -15.58 5.36
N ILE A 179 0.75 -14.78 5.80
CA ILE A 179 -0.64 -15.00 5.48
CA ILE A 179 -0.64 -15.02 5.46
C ILE A 179 -0.91 -14.32 4.15
N VAL A 180 -1.38 -15.08 3.18
CA VAL A 180 -1.65 -14.56 1.86
C VAL A 180 -3.16 -14.37 1.72
N PHE A 181 -3.56 -13.20 1.22
CA PHE A 181 -4.94 -12.79 1.02
C PHE A 181 -5.19 -12.73 -0.48
N PHE A 182 -6.28 -13.35 -0.94
CA PHE A 182 -6.73 -13.21 -2.33
C PHE A 182 -8.20 -12.88 -2.31
N SER A 183 -8.59 -11.84 -3.02
CA SER A 183 -10.00 -11.56 -3.17
C SER A 183 -10.29 -11.32 -4.63
N ASP A 184 -11.51 -11.61 -5.05
CA ASP A 184 -11.84 -11.40 -6.44
C ASP A 184 -13.27 -10.88 -6.54
N ILE A 185 -13.66 -10.54 -7.76
CA ILE A 185 -14.99 -10.00 -8.05
C ILE A 185 -15.84 -11.14 -8.60
N VAL A 186 -17.01 -11.37 -7.99
CA VAL A 186 -17.87 -12.45 -8.46
C VAL A 186 -18.41 -12.09 -9.84
N SER A 187 -18.24 -13.01 -10.77
CA SER A 187 -18.81 -12.88 -12.12
C SER A 187 -18.29 -11.63 -12.82
N PHE A 188 -17.00 -11.33 -12.64
CA PHE A 188 -16.42 -10.17 -13.28
C PHE A 188 -16.70 -10.14 -14.78
N SER A 189 -16.68 -11.30 -15.44
CA SER A 189 -16.87 -11.31 -16.89
C SER A 189 -18.21 -10.71 -17.30
N THR A 190 -19.24 -10.87 -16.47
CA THR A 190 -20.55 -10.32 -16.81
C THR A 190 -20.51 -8.80 -16.86
N PHE A 191 -19.76 -8.16 -15.96
CA PHE A 191 -19.57 -6.72 -16.04
C PHE A 191 -18.94 -6.32 -17.35
N ALA A 192 -17.85 -7.00 -17.71
CA ALA A 192 -17.11 -6.63 -18.92
C ALA A 192 -17.94 -6.88 -20.17
N GLU A 193 -18.86 -7.84 -20.12
CA GLU A 193 -19.70 -8.17 -21.26
C GLU A 193 -20.85 -7.18 -21.42
N LYS A 194 -21.37 -6.65 -20.32
CA LYS A 194 -22.64 -5.94 -20.35
C LYS A 194 -22.51 -4.43 -20.18
N LEU A 195 -21.36 -3.92 -19.78
CA LEU A 195 -21.22 -2.50 -19.51
C LEU A 195 -20.15 -1.88 -20.40
N PRO A 196 -20.26 -0.58 -20.68
CA PRO A 196 -19.17 0.11 -21.37
C PRO A 196 -17.89 0.08 -20.53
N VAL A 197 -16.76 0.17 -21.21
CA VAL A 197 -15.48 -0.03 -20.52
C VAL A 197 -15.29 0.98 -19.39
N GLU A 198 -15.74 2.24 -19.57
CA GLU A 198 -15.55 3.24 -18.52
C GLU A 198 -16.29 2.83 -17.25
N GLU A 199 -17.46 2.20 -17.39
CA GLU A 199 -18.21 1.75 -16.22
C GLU A 199 -17.55 0.54 -15.58
N VAL A 200 -16.99 -0.37 -16.39
CA VAL A 200 -16.25 -1.49 -15.82
C VAL A 200 -15.10 -0.98 -14.97
N VAL A 201 -14.38 0.01 -15.49
CA VAL A 201 -13.23 0.56 -14.77
C VAL A 201 -13.68 1.26 -13.50
N SER A 202 -14.82 1.94 -13.56
CA SER A 202 -15.34 2.57 -12.34
C SER A 202 -15.66 1.51 -11.29
N VAL A 203 -16.24 0.38 -11.72
CA VAL A 203 -16.54 -0.68 -10.77
C VAL A 203 -15.26 -1.27 -10.18
N VAL A 204 -14.28 -1.62 -11.04
CA VAL A 204 -13.09 -2.28 -10.52
C VAL A 204 -12.32 -1.33 -9.61
N ASN A 205 -12.29 -0.04 -9.96
CA ASN A 205 -11.58 0.94 -9.13
C ASN A 205 -12.24 1.11 -7.76
N SER A 206 -13.58 1.15 -7.70
CA SER A 206 -14.24 1.15 -6.39
C SER A 206 -13.82 -0.08 -5.59
N TYR A 207 -13.86 -1.25 -6.22
CA TYR A 207 -13.45 -2.48 -5.56
C TYR A 207 -12.02 -2.39 -5.04
N PHE A 208 -11.08 -2.06 -5.93
CA PHE A 208 -9.68 -2.01 -5.53
C PHE A 208 -9.47 -0.97 -4.42
N SER A 209 -10.19 0.17 -4.49
CA SER A 209 -10.02 1.19 -3.46
C SER A 209 -10.47 0.68 -2.10
N VAL A 210 -11.61 -0.02 -2.05
CA VAL A 210 -12.11 -0.55 -0.77
C VAL A 210 -11.12 -1.55 -0.18
N CYS A 211 -10.67 -2.48 -1.03
CA CYS A 211 -9.79 -3.54 -0.56
C CYS A 211 -8.47 -2.98 -0.07
N THR A 212 -7.86 -2.09 -0.85
CA THR A 212 -6.53 -1.64 -0.49
CA THR A 212 -6.54 -1.60 -0.52
C THR A 212 -6.55 -0.77 0.76
N ALA A 213 -7.57 0.09 0.91
CA ALA A 213 -7.68 0.90 2.12
C ALA A 213 -7.80 0.05 3.36
N ILE A 214 -8.62 -0.99 3.29
CA ILE A 214 -8.85 -1.75 4.50
C ILE A 214 -7.68 -2.66 4.80
N ILE A 215 -7.10 -3.30 3.78
CA ILE A 215 -5.92 -4.14 4.02
C ILE A 215 -4.79 -3.31 4.63
N THR A 216 -4.54 -2.12 4.09
CA THR A 216 -3.46 -1.27 4.59
C THR A 216 -3.70 -0.84 6.03
N ARG A 217 -4.93 -0.42 6.34
CA ARG A 217 -5.29 -0.02 7.69
C ARG A 217 -5.10 -1.16 8.68
N GLN A 218 -5.29 -2.41 8.26
CA GLN A 218 -5.07 -3.53 9.14
C GLN A 218 -3.63 -4.03 9.12
N GLY A 219 -2.72 -3.28 8.50
CA GLY A 219 -1.32 -3.66 8.51
C GLY A 219 -0.88 -4.61 7.42
N GLY A 220 -1.74 -4.92 6.45
CA GLY A 220 -1.32 -5.75 5.33
C GLY A 220 -0.67 -4.92 4.24
N GLU A 221 -0.04 -5.60 3.29
CA GLU A 221 0.48 -4.95 2.10
C GLU A 221 -0.11 -5.59 0.86
N VAL A 222 -0.73 -4.78 0.03
CA VAL A 222 -1.18 -5.24 -1.27
C VAL A 222 0.06 -5.31 -2.14
N THR A 223 0.32 -6.48 -2.71
CA THR A 223 1.49 -6.64 -3.58
C THR A 223 1.15 -6.57 -5.05
N LYS A 224 0.00 -7.10 -5.47
CA LYS A 224 -0.32 -6.90 -6.87
C LYS A 224 -1.80 -7.12 -7.13
N PHE A 225 -2.25 -6.57 -8.24
CA PHE A 225 -3.53 -6.92 -8.83
C PHE A 225 -3.27 -7.97 -9.91
N ILE A 226 -4.02 -9.06 -9.89
CA ILE A 226 -3.93 -10.07 -10.95
C ILE A 226 -5.31 -10.12 -11.58
N GLY A 227 -5.49 -9.39 -12.67
CA GLY A 227 -6.83 -9.21 -13.17
C GLY A 227 -7.69 -8.61 -12.09
N ASP A 228 -8.86 -9.19 -11.86
CA ASP A 228 -9.79 -8.70 -10.84
C ASP A 228 -9.42 -9.16 -9.44
N CYS A 229 -8.30 -9.84 -9.28
CA CYS A 229 -7.90 -10.42 -8.01
C CYS A 229 -6.90 -9.51 -7.30
N VAL A 230 -7.16 -9.23 -6.02
CA VAL A 230 -6.23 -8.50 -5.18
C VAL A 230 -5.41 -9.53 -4.41
N MET A 231 -4.08 -9.40 -4.48
CA MET A 231 -3.18 -10.24 -3.72
C MET A 231 -2.46 -9.40 -2.67
N ALA A 232 -2.48 -9.86 -1.42
CA ALA A 232 -1.90 -9.10 -0.32
C ALA A 232 -1.24 -10.04 0.68
N TYR A 233 -0.33 -9.48 1.46
CA TYR A 233 0.35 -10.23 2.52
C TYR A 233 0.07 -9.62 3.87
N PHE A 234 -0.04 -10.49 4.87
CA PHE A 234 0.03 -10.13 6.27
C PHE A 234 1.16 -10.93 6.89
N ASP A 235 1.77 -10.42 7.95
CA ASP A 235 2.78 -11.19 8.67
C ASP A 235 2.20 -12.51 9.13
N GLY A 236 3.06 -13.53 9.22
CA GLY A 236 2.58 -14.88 9.49
C GLY A 236 1.88 -15.06 10.81
N ASP A 237 2.11 -14.18 11.78
CA ASP A 237 1.41 -14.26 13.05
C ASP A 237 0.30 -13.22 13.16
N CYS A 238 -0.11 -12.62 12.04
CA CYS A 238 -1.16 -11.60 12.03
C CYS A 238 -2.43 -12.12 11.38
N ALA A 239 -2.79 -13.37 11.68
CA ALA A 239 -4.04 -13.94 11.18
C ALA A 239 -5.26 -13.13 11.60
N ASP A 240 -5.29 -12.65 12.86
CA ASP A 240 -6.46 -11.91 13.33
C ASP A 240 -6.69 -10.67 12.49
N GLN A 241 -5.61 -9.98 12.14
CA GLN A 241 -5.68 -8.78 11.30
C GLN A 241 -6.18 -9.14 9.90
N ALA A 242 -5.70 -10.26 9.35
CA ALA A 242 -6.17 -10.67 8.02
C ALA A 242 -7.67 -11.04 8.04
N ILE A 243 -8.10 -11.76 9.07
CA ILE A 243 -9.52 -12.08 9.21
C ILE A 243 -10.35 -10.82 9.43
N GLN A 244 -9.89 -9.91 10.31
CA GLN A 244 -10.64 -8.67 10.50
C GLN A 244 -10.75 -7.88 9.21
N ALA A 245 -9.65 -7.80 8.45
CA ALA A 245 -9.66 -7.08 7.19
C ALA A 245 -10.68 -7.68 6.23
N SER A 246 -10.70 -9.01 6.13
CA SER A 246 -11.69 -9.70 5.32
C SER A 246 -13.12 -9.35 5.73
N LEU A 247 -13.43 -9.45 7.02
CA LEU A 247 -14.79 -9.11 7.47
C LEU A 247 -15.12 -7.66 7.18
N ASP A 248 -14.17 -6.75 7.38
CA ASP A 248 -14.43 -5.34 7.11
C ASP A 248 -14.69 -5.09 5.63
N ILE A 249 -13.93 -5.75 4.75
CA ILE A 249 -14.22 -5.61 3.32
C ILE A 249 -15.62 -6.07 3.01
N LEU A 250 -16.03 -7.22 3.56
CA LEU A 250 -17.38 -7.70 3.26
C LEU A 250 -18.43 -6.71 3.77
N MET A 251 -18.20 -6.15 4.94
CA MET A 251 -19.15 -5.18 5.49
CA MET A 251 -19.16 -5.19 5.49
C MET A 251 -19.23 -3.93 4.64
N GLU A 252 -18.07 -3.39 4.21
CA GLU A 252 -18.05 -2.20 3.37
C GLU A 252 -18.72 -2.44 2.01
N LEU A 253 -18.51 -3.63 1.42
CA LEU A 253 -19.16 -3.91 0.14
C LEU A 253 -20.68 -3.97 0.32
N GLU A 254 -21.14 -4.53 1.44
CA GLU A 254 -22.58 -4.57 1.68
C GLU A 254 -23.14 -3.15 1.79
N ILE A 255 -22.45 -2.28 2.52
CA ILE A 255 -22.86 -0.87 2.61
C ILE A 255 -22.85 -0.22 1.24
N LEU A 256 -21.82 -0.49 0.45
CA LEU A 256 -21.71 0.06 -0.88
C LEU A 256 -22.87 -0.36 -1.78
N ARG A 257 -23.17 -1.66 -1.82
CA ARG A 257 -24.29 -2.15 -2.62
C ARG A 257 -25.61 -1.51 -2.21
N ASN A 258 -25.84 -1.36 -0.90
CA ASN A 258 -27.12 -0.81 -0.41
C ASN A 258 -27.25 0.69 -0.68
N SER A 259 -26.14 1.41 -0.67
CA SER A 259 -26.19 2.86 -0.67
CA SER A 259 -26.17 2.87 -0.67
C SER A 259 -25.97 3.48 -2.04
N ALA A 260 -25.68 2.66 -3.07
CA ALA A 260 -25.44 3.18 -4.40
C ALA A 260 -26.73 3.72 -5.02
N PRO A 261 -26.60 4.64 -5.97
CA PRO A 261 -27.77 5.12 -6.72
C PRO A 261 -28.58 3.98 -7.31
N GLU A 262 -29.87 4.25 -7.57
CA GLU A 262 -30.69 3.30 -8.30
CA GLU A 262 -30.65 3.27 -8.27
C GLU A 262 -30.05 3.03 -9.65
N GLY A 263 -30.09 1.77 -10.08
CA GLY A 263 -29.49 1.34 -11.32
C GLY A 263 -27.97 1.29 -11.34
N SER A 264 -27.28 1.53 -10.22
CA SER A 264 -25.82 1.52 -10.23
C SER A 264 -25.30 0.08 -10.39
N PRO A 265 -24.31 -0.13 -11.25
CA PRO A 265 -23.62 -1.44 -11.28
C PRO A 265 -22.99 -1.80 -9.93
N LEU A 266 -22.70 -0.82 -9.09
CA LEU A 266 -22.15 -1.16 -7.76
C LEU A 266 -23.11 -1.99 -6.92
N ARG A 267 -24.41 -1.96 -7.22
CA ARG A 267 -25.36 -2.75 -6.44
C ARG A 267 -25.09 -4.25 -6.57
N VAL A 268 -24.40 -4.68 -7.64
CA VAL A 268 -24.19 -6.12 -7.77
C VAL A 268 -22.70 -6.47 -7.69
N LEU A 269 -21.93 -5.66 -6.98
CA LEU A 269 -20.51 -5.93 -6.73
C LEU A 269 -20.37 -6.80 -5.49
N TYR A 270 -19.93 -8.04 -5.69
CA TYR A 270 -19.71 -9.01 -4.63
C TYR A 270 -18.29 -9.54 -4.74
N SER A 271 -17.76 -9.99 -3.62
CA SER A 271 -16.39 -10.46 -3.58
C SER A 271 -16.30 -11.79 -2.85
N GLY A 272 -15.40 -12.64 -3.31
CA GLY A 272 -14.98 -13.82 -2.57
C GLY A 272 -13.59 -13.55 -2.02
N ILE A 273 -13.30 -14.04 -0.83
CA ILE A 273 -12.00 -13.83 -0.20
C ILE A 273 -11.45 -15.15 0.30
N GLY A 274 -10.19 -15.44 0.02
CA GLY A 274 -9.54 -16.62 0.56
C GLY A 274 -8.24 -16.23 1.24
N LEU A 275 -7.92 -16.92 2.33
CA LEU A 275 -6.67 -16.69 3.04
C LEU A 275 -5.94 -18.01 3.15
N ALA A 276 -4.65 -17.97 2.94
CA ALA A 276 -3.82 -19.14 3.12
C ALA A 276 -2.51 -18.69 3.72
N LYS A 277 -1.71 -19.67 4.14
CA LYS A 277 -0.37 -19.42 4.61
C LYS A 277 0.59 -19.88 3.54
N GLY A 278 1.62 -19.09 3.30
CA GLY A 278 2.59 -19.46 2.29
C GLY A 278 3.97 -18.98 2.66
N LYS A 279 4.94 -19.56 2.01
CA LYS A 279 6.34 -19.20 2.20
C LYS A 279 6.68 -18.28 1.05
N VAL A 280 6.87 -17.01 1.35
CA VAL A 280 7.19 -16.06 0.30
CA VAL A 280 7.17 -16.00 0.37
C VAL A 280 8.67 -15.78 0.35
N ILE A 281 9.24 -15.51 -0.82
CA ILE A 281 10.65 -15.17 -0.95
C ILE A 281 10.74 -13.67 -1.22
N GLU A 282 11.50 -12.97 -0.39
CA GLU A 282 11.77 -11.56 -0.59
C GLU A 282 13.21 -11.41 -1.07
N GLY A 283 13.41 -10.57 -2.07
CA GLY A 283 14.74 -10.38 -2.64
C GLY A 283 14.67 -9.55 -3.90
N ASN A 284 15.80 -9.50 -4.61
CA ASN A 284 15.89 -8.82 -5.90
C ASN A 284 15.53 -9.81 -7.00
N ILE A 285 14.26 -9.85 -7.36
CA ILE A 285 13.72 -10.89 -8.24
C ILE A 285 13.37 -10.31 -9.59
N GLY A 286 13.74 -11.03 -10.65
CA GLY A 286 13.32 -10.65 -11.98
C GLY A 286 14.49 -10.54 -12.93
N SER A 287 14.41 -9.58 -13.85
CA SER A 287 15.40 -9.43 -14.92
C SER A 287 15.85 -7.98 -14.98
N GLU A 288 16.76 -7.72 -15.92
CA GLU A 288 17.17 -6.35 -16.19
C GLU A 288 15.97 -5.48 -16.58
N LEU A 289 14.98 -6.06 -17.24
CA LEU A 289 13.86 -5.25 -17.74
C LEU A 289 12.79 -5.02 -16.68
N LYS A 290 12.62 -5.92 -15.72
CA LYS A 290 11.53 -5.79 -14.76
CA LYS A 290 11.53 -5.79 -14.76
C LYS A 290 11.91 -6.48 -13.46
N ARG A 291 11.77 -5.77 -12.35
CA ARG A 291 12.09 -6.31 -11.05
C ARG A 291 10.86 -6.37 -10.17
N ASP A 292 10.91 -7.28 -9.22
CA ASP A 292 9.90 -7.40 -8.19
CA ASP A 292 9.90 -7.42 -8.19
C ASP A 292 10.63 -7.62 -6.87
N TYR A 293 9.91 -7.35 -5.78
CA TYR A 293 10.47 -7.49 -4.44
C TYR A 293 10.18 -8.85 -3.81
N THR A 294 9.14 -9.54 -4.27
CA THR A 294 8.71 -10.74 -3.60
CA THR A 294 8.61 -10.69 -3.58
C THR A 294 8.11 -11.71 -4.61
N ILE A 295 8.24 -13.00 -4.31
CA ILE A 295 7.67 -14.08 -5.12
C ILE A 295 7.00 -15.10 -4.20
N LEU A 296 5.74 -15.43 -4.51
CA LEU A 296 5.03 -16.57 -3.91
C LEU A 296 4.86 -17.62 -5.02
N GLY A 297 5.65 -18.67 -4.98
CA GLY A 297 5.54 -19.70 -6.00
C GLY A 297 4.15 -20.29 -6.06
N ASP A 298 3.69 -20.56 -7.28
CA ASP A 298 2.36 -21.16 -7.50
C ASP A 298 1.23 -20.30 -6.94
N ALA A 299 1.45 -18.97 -6.92
CA ALA A 299 0.41 -18.04 -6.50
C ALA A 299 -0.85 -18.22 -7.35
N VAL A 300 -0.64 -18.39 -8.66
CA VAL A 300 -1.72 -18.66 -9.61
C VAL A 300 -2.61 -19.79 -9.12
N ASN A 301 -2.00 -20.89 -8.70
CA ASN A 301 -2.77 -22.09 -8.35
C ASN A 301 -3.49 -21.93 -7.02
N VAL A 302 -2.84 -21.31 -6.03
CA VAL A 302 -3.53 -21.10 -4.76
C VAL A 302 -4.74 -20.18 -4.95
N ALA A 303 -4.58 -19.12 -5.75
CA ALA A 303 -5.68 -18.18 -5.91
C ALA A 303 -6.84 -18.82 -6.66
N ALA A 304 -6.53 -19.60 -7.71
CA ALA A 304 -7.59 -20.26 -8.47
C ALA A 304 -8.33 -21.26 -7.61
N ARG A 305 -7.61 -21.98 -6.73
CA ARG A 305 -8.28 -22.94 -5.87
C ARG A 305 -9.13 -22.26 -4.81
N LEU A 306 -8.67 -21.11 -4.29
CA LEU A 306 -9.51 -20.38 -3.33
C LEU A 306 -10.74 -19.78 -4.01
N GLU A 307 -10.62 -19.23 -5.23
CA GLU A 307 -11.83 -18.76 -5.88
CA GLU A 307 -11.79 -18.77 -5.96
C GLU A 307 -12.79 -19.89 -6.14
N ALA A 308 -12.28 -21.10 -6.39
CA ALA A 308 -13.18 -22.21 -6.66
C ALA A 308 -13.92 -22.59 -5.40
N LEU A 309 -13.25 -22.53 -4.25
CA LEU A 309 -13.88 -22.83 -2.97
C LEU A 309 -15.01 -21.85 -2.65
N THR A 310 -14.78 -20.56 -2.85
CA THR A 310 -15.81 -19.59 -2.46
C THR A 310 -17.06 -19.78 -3.30
N ARG A 311 -16.90 -20.14 -4.58
CA ARG A 311 -18.07 -20.44 -5.40
C ARG A 311 -18.69 -21.77 -5.03
N GLN A 312 -17.88 -22.80 -4.82
CA GLN A 312 -18.40 -24.13 -4.53
C GLN A 312 -19.14 -24.18 -3.19
N LEU A 313 -18.66 -23.44 -2.21
CA LEU A 313 -19.27 -23.44 -0.89
C LEU A 313 -20.29 -22.33 -0.72
N SER A 314 -20.43 -21.44 -1.71
CA SER A 314 -21.27 -20.26 -1.54
C SER A 314 -20.92 -19.54 -0.23
N GLN A 315 -19.62 -19.40 0.04
CA GLN A 315 -19.14 -18.74 1.24
C GLN A 315 -18.21 -17.62 0.83
N ALA A 316 -18.46 -16.39 1.30
CA ALA A 316 -17.66 -15.28 0.82
C ALA A 316 -16.25 -15.26 1.41
N LEU A 317 -15.97 -16.05 2.43
CA LEU A 317 -14.69 -16.04 3.12
C LEU A 317 -14.32 -17.47 3.47
N VAL A 318 -13.17 -17.95 2.98
CA VAL A 318 -12.70 -19.27 3.32
C VAL A 318 -11.22 -19.15 3.67
N PHE A 319 -10.76 -20.02 4.56
CA PHE A 319 -9.34 -20.00 4.85
C PHE A 319 -8.96 -21.37 5.40
N SER A 320 -7.67 -21.65 5.31
CA SER A 320 -7.16 -22.95 5.70
C SER A 320 -7.02 -23.08 7.22
N SER A 321 -6.86 -24.32 7.68
CA SER A 321 -6.60 -24.61 9.09
C SER A 321 -5.36 -23.89 9.60
N GLU A 322 -4.32 -23.75 8.76
CA GLU A 322 -3.12 -23.03 9.17
C GLU A 322 -3.43 -21.59 9.53
N VAL A 323 -4.30 -20.93 8.75
CA VAL A 323 -4.70 -19.58 9.12
C VAL A 323 -5.48 -19.61 10.41
N LYS A 324 -6.44 -20.53 10.50
CA LYS A 324 -7.28 -20.66 11.68
C LYS A 324 -6.43 -20.86 12.93
N ASN A 325 -5.39 -21.69 12.83
CA ASN A 325 -4.54 -22.01 13.97
C ASN A 325 -3.55 -20.89 14.30
N SER A 326 -3.29 -19.98 13.37
CA SER A 326 -2.44 -18.84 13.68
C SER A 326 -3.20 -17.71 14.35
N ALA A 327 -4.52 -17.78 14.42
CA ALA A 327 -5.30 -16.73 15.03
C ALA A 327 -5.21 -16.84 16.55
N THR A 328 -5.28 -15.69 17.22
CA THR A 328 -5.35 -15.67 18.68
C THR A 328 -6.71 -15.31 19.24
N LYS A 329 -7.51 -14.52 18.54
CA LYS A 329 -8.82 -14.14 19.07
CA LYS A 329 -8.80 -14.15 19.11
C LYS A 329 -9.78 -15.31 18.98
N SER A 330 -10.87 -15.22 19.74
CA SER A 330 -11.88 -16.28 19.79
CA SER A 330 -11.89 -16.27 19.81
C SER A 330 -12.94 -16.04 18.72
N TRP A 331 -12.49 -16.16 17.47
CA TRP A 331 -13.39 -16.00 16.33
C TRP A 331 -14.45 -17.10 16.32
N ASN A 332 -15.60 -16.80 15.71
CA ASN A 332 -16.65 -17.81 15.55
C ASN A 332 -16.36 -18.68 14.32
N PHE A 333 -15.35 -19.55 14.47
CA PHE A 333 -14.94 -20.44 13.40
C PHE A 333 -16.01 -21.47 13.07
N ILE A 334 -16.15 -21.79 11.78
CA ILE A 334 -16.97 -22.93 11.38
C ILE A 334 -16.19 -23.76 10.38
N TRP A 335 -16.13 -25.07 10.62
CA TRP A 335 -15.51 -26.00 9.67
C TRP A 335 -16.45 -26.22 8.49
N LEU A 336 -15.92 -26.17 7.26
CA LEU A 336 -16.77 -26.33 6.08
C LEU A 336 -16.53 -27.62 5.32
N THR A 337 -15.28 -27.94 4.99
CA THR A 337 -14.99 -29.02 4.03
C THR A 337 -13.49 -29.26 4.07
N ASP A 338 -13.06 -30.30 3.35
CA ASP A 338 -11.66 -30.53 3.05
C ASP A 338 -11.39 -30.08 1.63
N SER A 339 -10.18 -29.58 1.40
CA SER A 339 -9.80 -29.20 0.05
C SER A 339 -8.29 -29.35 -0.10
N GLU A 340 -7.82 -29.11 -1.32
CA GLU A 340 -6.41 -29.14 -1.65
C GLU A 340 -6.07 -27.74 -2.15
N LEU A 341 -5.08 -27.11 -1.52
CA LEU A 341 -4.74 -25.75 -1.93
C LEU A 341 -3.40 -25.66 -2.62
N LYS A 342 -2.41 -26.40 -2.14
CA LYS A 342 -1.15 -26.51 -2.84
C LYS A 342 -1.21 -27.76 -3.72
N GLY A 343 -0.46 -27.75 -4.82
CA GLY A 343 -0.46 -28.88 -5.74
C GLY A 343 -0.18 -30.23 -5.08
N LYS A 344 0.34 -30.23 -3.85
CA LYS A 344 0.54 -31.45 -3.10
C LYS A 344 -0.79 -32.06 -2.70
N SER A 345 -0.83 -33.39 -2.65
CA SER A 345 -2.07 -34.11 -2.42
C SER A 345 -2.46 -34.13 -0.94
N GLU A 346 -2.20 -33.04 -0.23
CA GLU A 346 -2.51 -32.94 1.19
C GLU A 346 -3.91 -32.35 1.37
N SER A 347 -4.74 -33.02 2.16
CA SER A 347 -6.14 -32.62 2.31
C SER A 347 -6.26 -31.73 3.54
N ILE A 348 -6.63 -30.47 3.35
CA ILE A 348 -6.62 -29.53 4.46
CA ILE A 348 -6.61 -29.47 4.41
C ILE A 348 -8.04 -29.09 4.78
N ASP A 349 -8.29 -28.88 6.07
CA ASP A 349 -9.59 -28.42 6.51
C ASP A 349 -9.77 -26.96 6.16
N ILE A 350 -10.94 -26.63 5.64
CA ILE A 350 -11.29 -25.28 5.22
C ILE A 350 -12.30 -24.75 6.21
N TYR A 351 -12.06 -23.54 6.71
CA TYR A 351 -12.93 -22.92 7.69
C TYR A 351 -13.48 -21.62 7.14
N SER A 352 -14.51 -21.10 7.82
CA SER A 352 -14.95 -19.74 7.62
C SER A 352 -15.26 -19.18 9.01
N ILE A 353 -15.86 -18.00 9.02
CA ILE A 353 -16.44 -17.37 10.21
C ILE A 353 -17.94 -17.45 10.06
N ASP A 354 -18.62 -17.87 11.11
CA ASP A 354 -20.07 -18.02 11.08
C ASP A 354 -20.63 -16.75 11.71
N ASN A 355 -21.00 -15.79 10.87
CA ASN A 355 -21.71 -14.62 11.36
C ASN A 355 -22.71 -14.19 10.29
N GLU A 356 -23.48 -13.16 10.62
CA GLU A 356 -24.54 -12.65 9.76
C GLU A 356 -24.04 -12.39 8.33
N MET A 357 -22.82 -11.88 8.20
CA MET A 357 -22.21 -11.50 6.94
C MET A 357 -22.06 -12.68 6.00
N THR A 358 -21.15 -13.58 6.36
CA THR A 358 -20.90 -14.77 5.57
C THR A 358 -22.13 -15.68 5.48
N ARG A 359 -23.10 -15.53 6.40
CA ARG A 359 -24.28 -16.41 6.38
C ARG A 359 -25.17 -16.12 5.18
N LEU A 365 -23.92 -19.76 -11.03
CA LEU A 365 -23.78 -19.99 -9.61
C LEU A 365 -24.45 -18.89 -8.82
N GLU A 366 -25.63 -19.18 -8.28
CA GLU A 366 -26.39 -18.27 -7.41
C GLU A 366 -26.29 -16.80 -7.83
N ILE A 367 -25.23 -16.12 -7.37
CA ILE A 367 -25.06 -14.70 -7.62
C ILE A 367 -24.88 -14.43 -9.13
N ALA A 368 -24.20 -15.34 -9.83
CA ALA A 368 -23.84 -15.09 -11.23
C ALA A 368 -25.05 -14.79 -12.10
N ARG A 369 -26.12 -15.58 -11.97
CA ARG A 369 -27.31 -15.34 -12.78
C ARG A 369 -28.02 -14.05 -12.41
N ASN A 370 -28.01 -13.69 -11.12
CA ASN A 370 -28.59 -12.42 -10.69
C ASN A 370 -27.82 -11.25 -11.31
N ILE A 371 -26.49 -11.36 -11.36
CA ILE A 371 -25.64 -10.28 -11.86
C ILE A 371 -26.09 -9.90 -13.25
N GLY A 372 -26.16 -10.91 -14.13
CA GLY A 372 -26.44 -10.68 -15.53
C GLY A 372 -27.78 -10.03 -15.78
N HIS A 373 -28.83 -10.53 -15.09
CA HIS A 373 -30.14 -9.92 -15.23
C HIS A 373 -30.14 -8.45 -14.84
N TYR A 374 -29.60 -8.12 -13.66
CA TYR A 374 -29.56 -6.73 -13.22
C TYR A 374 -28.79 -5.85 -14.19
N LEU A 375 -27.59 -6.27 -14.57
CA LEU A 375 -26.76 -5.47 -15.47
C LEU A 375 -27.39 -5.34 -16.84
N GLU A 376 -28.19 -6.34 -17.24
CA GLU A 376 -28.85 -6.29 -18.54
C GLU A 376 -29.73 -5.07 -18.69
N ARG A 377 -30.40 -4.65 -17.62
CA ARG A 377 -31.39 -3.57 -17.70
C ARG A 377 -30.99 -2.32 -16.92
N VAL A 378 -29.71 -1.93 -16.95
CA VAL A 378 -29.27 -0.70 -16.30
C VAL A 378 -28.48 0.19 -17.26
N1 FMN B . 11.35 21.97 12.41
C2 FMN B . 12.62 21.73 12.91
O2 FMN B . 12.84 21.81 14.11
N3 FMN B . 13.67 21.41 12.08
C4 FMN B . 13.45 21.30 10.70
O4 FMN B . 14.39 21.03 9.96
C4A FMN B . 12.17 21.54 10.20
N5 FMN B . 11.93 21.44 8.85
C5A FMN B . 10.65 21.67 8.35
C6 FMN B . 10.43 21.55 6.99
C7 FMN B . 9.16 21.77 6.46
C7M FMN B . 8.98 21.64 4.97
C8 FMN B . 8.11 22.11 7.29
C8M FMN B . 6.73 22.35 6.74
C9 FMN B . 8.33 22.22 8.66
C9A FMN B . 9.60 21.99 9.19
N10 FMN B . 9.84 22.09 10.54
C10 FMN B . 11.11 21.87 11.06
C1' FMN B . 8.68 22.48 11.42
C2' FMN B . 8.11 21.37 12.25
O2' FMN B . 7.19 20.66 11.45
C3' FMN B . 7.44 22.03 13.46
O3' FMN B . 6.40 22.89 13.03
C4' FMN B . 8.42 22.86 14.26
O4' FMN B . 9.60 22.13 14.56
C5' FMN B . 7.77 23.27 15.58
O5' FMN B . 7.92 22.18 16.46
P FMN B . 7.35 22.22 17.97
O1P FMN B . 6.03 21.47 18.00
O2P FMN B . 8.32 21.58 18.93
O3P FMN B . 7.12 23.67 18.37
CA CA C . -10.18 -33.02 7.18
CA CA D . -12.74 -13.49 -10.61
#